data_3NPE
#
_entry.id   3NPE
#
_cell.length_a   161.521
_cell.length_b   161.521
_cell.length_c   150.816
_cell.angle_alpha   90.00
_cell.angle_beta   90.00
_cell.angle_gamma   120.00
#
_symmetry.space_group_name_H-M   'P 63 2 2'
#
loop_
_entity.id
_entity.type
_entity.pdbx_description
1 polymer '9-cis-epoxycarotenoid dioxygenase 1, chloroplastic'
2 non-polymer 'FE (II) ION'
3 non-polymer 'OXYGEN MOLECULE'
4 non-polymer 'HYDROXIDE ION'
5 non-polymer '1,4-DIETHYLENE DIOXIDE'
6 water water
#
_entity_poly.entity_id   1
_entity_poly.type   'polypeptide(L)'
_entity_poly.pdbx_seq_one_letter_code
;KAEGGKKQLNLFQRAAAAALDAFEEGFVANVLERPHGLPSTADPAVQIAGNFAPVGERPPVHELPVSGRIPPFIDGVYAR
NGANPCFDPVAGHHLFDGDGMVHALRIRNGAAESYACRFTETARLRQERAIGRPVFPKAIGELHGHSGIARLALFYARAA
CGLVDPSAGTGVANAGLVYFNGRLLAMSEDDLPYHVRVADDGDLETVGRYDFDGQLGCAMIAHPKLDPATGELHALSYDV
IKRPYLKYFYFRPDGTKSDDVEIPLEQPTMIHDFAITENLVVVPDHQVVFKLQEMLRGGSPVVLDAAKTSRFGVLPKHAA
DASEMAWVDVPDCFCFHLWNAWEDEATGEVVVIGSCMTPADSIFNESDERLESVLTEIRLDARTGRSTRRAVLPPSQQVN
LEVGMVNRNLLGRETRYAYLAVAEPWPKVSGFAKVDLSTGELTKFEYGEGRFGGEPCFVPMDPAAAHPRGEDDGYVLTFV
HDERAGTSELLVVNAADMRLEATVQLPSRVPFGFHGTFITGQELEAQAA
;
_entity_poly.pdbx_strand_id   A
#
loop_
_chem_comp.id
_chem_comp.type
_chem_comp.name
_chem_comp.formula
DIO non-polymer '1,4-DIETHYLENE DIOXIDE' 'C4 H8 O2'
FE2 non-polymer 'FE (II) ION' 'Fe 2'
OH non-polymer 'HYDROXIDE ION' 'H O -1'
OXY non-polymer 'OXYGEN MOLECULE' O2
#
# COMPACT_ATOMS: atom_id res chain seq x y z
N GLN A 8 -16.86 -25.67 -18.80
CA GLN A 8 -16.67 -27.16 -18.76
C GLN A 8 -15.25 -27.62 -19.09
N LEU A 9 -14.68 -28.39 -18.16
CA LEU A 9 -13.31 -28.88 -18.28
C LEU A 9 -13.23 -30.10 -19.20
N ASN A 10 -13.02 -31.27 -18.60
CA ASN A 10 -12.75 -32.51 -19.34
C ASN A 10 -13.51 -33.67 -18.70
N LEU A 11 -12.93 -34.87 -18.83
CA LEU A 11 -13.42 -36.05 -18.14
C LEU A 11 -12.25 -36.59 -17.31
N PHE A 12 -11.06 -36.65 -17.91
CA PHE A 12 -9.81 -36.90 -17.17
C PHE A 12 -9.58 -35.79 -16.13
N GLN A 13 -9.60 -34.53 -16.59
CA GLN A 13 -9.20 -33.45 -15.71
C GLN A 13 -10.26 -33.08 -14.68
N ARG A 14 -11.52 -33.38 -15.01
CA ARG A 14 -12.62 -33.22 -14.07
C ARG A 14 -12.43 -34.17 -12.88
N ALA A 15 -11.88 -35.34 -13.17
CA ALA A 15 -11.65 -36.37 -12.16
C ALA A 15 -10.30 -36.21 -11.47
N ALA A 16 -9.42 -35.42 -12.09
CA ALA A 16 -8.17 -35.02 -11.43
C ALA A 16 -8.50 -34.04 -10.32
N ALA A 17 -9.18 -32.95 -10.68
CA ALA A 17 -9.59 -31.91 -9.73
C ALA A 17 -10.35 -32.47 -8.52
N ALA A 18 -11.17 -33.47 -8.76
CA ALA A 18 -11.88 -34.13 -7.69
C ALA A 18 -10.86 -34.70 -6.72
N ALA A 19 -9.93 -35.48 -7.26
CA ALA A 19 -8.92 -36.14 -6.46
C ALA A 19 -7.96 -35.16 -5.81
N LEU A 20 -7.57 -34.13 -6.56
CA LEU A 20 -6.72 -33.08 -6.00
C LEU A 20 -7.36 -32.41 -4.78
N ASP A 21 -8.65 -32.05 -4.89
CA ASP A 21 -9.40 -31.50 -3.76
C ASP A 21 -9.35 -32.41 -2.54
N ALA A 22 -9.64 -33.69 -2.75
CA ALA A 22 -9.57 -34.71 -1.69
C ALA A 22 -8.18 -34.81 -1.04
N PHE A 23 -7.13 -34.65 -1.86
CA PHE A 23 -5.77 -34.66 -1.35
C PHE A 23 -5.50 -33.41 -0.53
N GLU A 24 -5.85 -32.25 -1.09
CA GLU A 24 -5.69 -30.98 -0.41
C GLU A 24 -6.25 -31.03 1.02
N GLU A 25 -7.37 -31.71 1.20
CA GLU A 25 -8.08 -31.69 2.46
C GLU A 25 -7.59 -32.79 3.38
N GLY A 26 -7.39 -33.97 2.83
CA GLY A 26 -7.09 -35.13 3.65
C GLY A 26 -5.63 -35.27 4.01
N PHE A 27 -4.77 -34.62 3.23
CA PHE A 27 -3.35 -34.67 3.47
C PHE A 27 -2.81 -33.31 3.82
N VAL A 28 -2.70 -32.42 2.82
CA VAL A 28 -2.10 -31.10 2.99
C VAL A 28 -2.69 -30.39 4.19
N ALA A 29 -4.03 -30.31 4.24
CA ALA A 29 -4.70 -29.73 5.39
C ALA A 29 -4.62 -30.63 6.61
N ASN A 30 -5.12 -31.86 6.52
CA ASN A 30 -5.26 -32.68 7.72
C ASN A 30 -3.99 -33.29 8.31
N VAL A 31 -3.00 -33.56 7.46
CA VAL A 31 -1.73 -34.09 7.92
C VAL A 31 -0.73 -32.96 8.14
N LEU A 32 -0.41 -32.21 7.09
CA LEU A 32 0.66 -31.23 7.16
C LEU A 32 0.34 -30.02 8.03
N GLU A 33 -0.94 -29.68 8.17
CA GLU A 33 -1.28 -28.39 8.75
C GLU A 33 -2.10 -28.39 10.04
N ARG A 34 -3.21 -29.11 10.07
CA ARG A 34 -4.14 -29.00 11.18
C ARG A 34 -3.49 -29.35 12.53
N PRO A 35 -2.56 -30.32 12.57
CA PRO A 35 -1.94 -30.69 13.84
C PRO A 35 -1.00 -29.66 14.48
N HIS A 36 -0.58 -28.66 13.72
CA HIS A 36 0.22 -27.57 14.27
C HIS A 36 -0.60 -26.30 14.26
N GLY A 37 -0.59 -25.58 15.38
CA GLY A 37 -1.31 -24.31 15.51
C GLY A 37 -1.20 -23.38 14.30
N LEU A 38 -1.58 -22.12 14.48
CA LEU A 38 -1.57 -21.21 13.37
C LEU A 38 -1.22 -19.85 13.93
N PRO A 39 0.01 -19.37 13.65
CA PRO A 39 0.46 -18.12 14.25
C PRO A 39 -0.58 -17.02 14.04
N SER A 40 -0.70 -16.12 15.00
CA SER A 40 -1.68 -15.07 14.91
C SER A 40 -1.44 -14.17 13.70
N THR A 41 -0.34 -14.40 12.98
CA THR A 41 -0.10 -13.61 11.79
C THR A 41 -0.54 -14.28 10.49
N ALA A 42 -0.94 -15.55 10.58
CA ALA A 42 -1.57 -16.26 9.46
C ALA A 42 -2.96 -16.75 9.85
N ASP A 43 -3.33 -16.53 11.11
CA ASP A 43 -4.62 -16.98 11.59
C ASP A 43 -5.66 -15.94 11.22
N PRO A 44 -6.66 -16.35 10.41
CA PRO A 44 -7.72 -15.46 9.94
C PRO A 44 -8.63 -14.99 11.06
N ALA A 45 -8.89 -15.83 12.06
CA ALA A 45 -9.69 -15.43 13.22
C ALA A 45 -9.09 -14.18 13.87
N VAL A 46 -7.79 -13.95 13.60
CA VAL A 46 -7.11 -12.75 14.05
C VAL A 46 -7.06 -11.75 12.91
N GLN A 47 -6.45 -12.15 11.79
CA GLN A 47 -6.19 -11.27 10.66
C GLN A 47 -7.44 -10.58 10.10
N ILE A 48 -8.57 -11.28 10.14
CA ILE A 48 -9.80 -10.85 9.50
C ILE A 48 -10.79 -10.33 10.51
N ALA A 49 -10.71 -10.81 11.75
CA ALA A 49 -11.67 -10.48 12.80
C ALA A 49 -11.92 -8.98 12.92
N GLY A 50 -13.12 -8.63 13.40
CA GLY A 50 -13.53 -7.24 13.54
C GLY A 50 -13.69 -6.57 12.19
N ASN A 51 -13.56 -5.25 12.17
CA ASN A 51 -13.77 -4.49 10.93
C ASN A 51 -12.71 -4.75 9.85
N PHE A 52 -11.74 -5.60 10.14
CA PHE A 52 -10.80 -5.99 9.10
C PHE A 52 -11.47 -6.92 8.09
N ALA A 53 -12.66 -7.39 8.47
CA ALA A 53 -13.39 -8.43 7.74
C ALA A 53 -13.94 -7.94 6.41
N PRO A 54 -13.91 -8.81 5.38
CA PRO A 54 -14.32 -8.46 4.03
C PRO A 54 -15.81 -8.16 3.89
N VAL A 55 -16.18 -7.57 2.75
CA VAL A 55 -17.46 -6.93 2.50
C VAL A 55 -17.80 -7.11 1.01
N GLY A 56 -19.03 -7.53 0.70
CA GLY A 56 -19.51 -7.62 -0.69
C GLY A 56 -19.66 -6.29 -1.41
N GLU A 57 -19.63 -6.32 -2.76
CA GLU A 57 -19.69 -5.09 -3.57
C GLU A 57 -20.97 -4.29 -3.34
N ARG A 58 -20.84 -2.97 -3.21
CA ARG A 58 -21.98 -2.07 -3.34
C ARG A 58 -21.87 -1.38 -4.68
N PRO A 59 -22.84 -1.63 -5.57
CA PRO A 59 -22.96 -0.84 -6.78
C PRO A 59 -23.51 0.53 -6.40
N PRO A 60 -23.23 1.58 -7.20
CA PRO A 60 -23.40 2.98 -6.77
C PRO A 60 -24.74 3.37 -6.14
N VAL A 61 -24.62 4.06 -5.00
CA VAL A 61 -25.73 4.57 -4.21
C VAL A 61 -25.53 6.07 -4.16
N HIS A 62 -26.54 6.81 -4.61
CA HIS A 62 -26.40 8.25 -4.84
C HIS A 62 -27.02 9.13 -3.77
N GLU A 63 -26.53 10.37 -3.69
CA GLU A 63 -26.99 11.34 -2.70
C GLU A 63 -26.95 10.75 -1.29
N LEU A 64 -25.73 10.52 -0.79
CA LEU A 64 -25.53 10.02 0.55
C LEU A 64 -25.76 11.15 1.56
N PRO A 65 -26.37 10.81 2.71
CA PRO A 65 -26.89 11.86 3.64
C PRO A 65 -25.70 12.56 4.33
N VAL A 66 -25.71 13.91 4.21
CA VAL A 66 -24.54 14.66 4.69
C VAL A 66 -24.90 15.62 5.83
N SER A 67 -24.14 15.57 6.94
CA SER A 67 -24.34 16.57 7.98
C SER A 67 -23.09 17.48 7.95
N GLY A 68 -23.29 18.77 8.30
CA GLY A 68 -22.17 19.75 8.23
C GLY A 68 -22.17 20.27 6.80
N ARG A 69 -21.14 21.03 6.42
CA ARG A 69 -21.13 21.63 5.10
C ARG A 69 -19.87 21.24 4.35
N ILE A 70 -20.04 20.34 3.37
CA ILE A 70 -18.94 20.02 2.45
C ILE A 70 -18.62 21.27 1.63
N PRO A 71 -17.36 21.74 1.67
CA PRO A 71 -16.91 22.86 0.83
C PRO A 71 -17.19 22.56 -0.63
N PRO A 72 -17.79 23.54 -1.33
CA PRO A 72 -18.40 23.23 -2.61
C PRO A 72 -17.34 23.19 -3.69
N PHE A 73 -16.21 23.81 -3.38
CA PHE A 73 -15.09 23.83 -4.27
C PHE A 73 -14.51 22.41 -4.42
N ILE A 74 -14.61 21.59 -3.37
CA ILE A 74 -14.15 20.19 -3.44
C ILE A 74 -14.90 19.44 -4.55
N ASP A 75 -14.13 18.82 -5.44
CA ASP A 75 -14.65 18.23 -6.67
C ASP A 75 -13.72 17.12 -7.15
N GLY A 76 -14.08 15.87 -6.84
CA GLY A 76 -13.25 14.72 -7.21
C GLY A 76 -13.77 13.38 -6.74
N VAL A 77 -12.87 12.40 -6.67
CA VAL A 77 -13.16 11.08 -6.12
C VAL A 77 -12.10 10.71 -5.09
N TYR A 78 -12.58 10.28 -3.92
CA TYR A 78 -11.68 9.68 -2.97
C TYR A 78 -11.80 8.20 -3.19
N ALA A 79 -10.70 7.55 -3.55
CA ALA A 79 -10.72 6.12 -3.80
C ALA A 79 -9.77 5.43 -2.84
N ARG A 80 -10.18 4.28 -2.29
CA ARG A 80 -9.33 3.59 -1.31
C ARG A 80 -9.22 2.07 -1.51
N ASN A 81 -8.00 1.59 -1.71
CA ASN A 81 -7.74 0.16 -1.95
C ASN A 81 -7.62 -0.58 -0.62
N GLY A 82 -7.56 -1.92 -0.67
CA GLY A 82 -7.44 -2.73 0.54
C GLY A 82 -7.68 -4.22 0.32
N ALA A 83 -7.57 -5.00 1.38
CA ALA A 83 -7.76 -6.45 1.26
C ALA A 83 -9.19 -6.91 1.62
N ASN A 84 -9.75 -7.77 0.77
CA ASN A 84 -11.13 -8.17 0.89
C ASN A 84 -11.37 -9.56 0.29
N PRO A 85 -10.89 -10.63 0.94
CA PRO A 85 -10.96 -11.96 0.33
C PRO A 85 -12.38 -12.40 -0.09
N CYS A 86 -12.56 -12.52 -1.40
CA CYS A 86 -13.86 -12.85 -1.95
C CYS A 86 -14.51 -14.02 -1.22
N PHE A 87 -13.79 -15.15 -1.20
CA PHE A 87 -14.19 -16.32 -0.45
C PHE A 87 -13.40 -16.39 0.83
N ASP A 88 -14.10 -16.73 1.91
CA ASP A 88 -13.48 -17.04 3.19
C ASP A 88 -12.41 -18.07 2.92
N PRO A 89 -11.16 -17.76 3.30
CA PRO A 89 -10.02 -18.60 3.06
C PRO A 89 -10.05 -19.87 3.89
N VAL A 90 -9.81 -20.99 3.20
CA VAL A 90 -9.38 -22.23 3.82
C VAL A 90 -8.17 -21.86 4.67
N ALA A 91 -7.92 -22.60 5.73
CA ALA A 91 -6.88 -22.23 6.70
C ALA A 91 -5.62 -21.55 6.09
N GLY A 92 -5.11 -20.53 6.77
CA GLY A 92 -3.81 -19.95 6.44
C GLY A 92 -3.88 -18.69 5.60
N HIS A 93 -3.72 -17.52 6.23
CA HIS A 93 -4.05 -16.25 5.60
C HIS A 93 -3.61 -15.03 6.42
N HIS A 94 -2.85 -14.13 5.80
CA HIS A 94 -2.44 -12.90 6.48
C HIS A 94 -3.24 -11.73 5.91
N LEU A 95 -3.51 -10.72 6.73
CA LEU A 95 -4.32 -9.58 6.30
C LEU A 95 -3.93 -9.06 4.93
N PHE A 96 -2.65 -9.12 4.59
CA PHE A 96 -2.13 -8.60 3.32
C PHE A 96 -2.49 -9.48 2.13
N ASP A 97 -2.83 -10.74 2.40
CA ASP A 97 -3.03 -11.74 1.36
C ASP A 97 -4.29 -11.56 0.52
N GLY A 98 -5.29 -10.88 1.09
CA GLY A 98 -6.65 -10.80 0.52
C GLY A 98 -6.81 -10.09 -0.82
N ASP A 99 -7.94 -10.35 -1.48
CA ASP A 99 -8.27 -9.74 -2.79
C ASP A 99 -8.45 -8.25 -2.71
N GLY A 100 -8.12 -7.57 -3.80
CA GLY A 100 -8.17 -6.12 -3.83
C GLY A 100 -9.58 -5.64 -4.02
N MET A 101 -9.98 -4.65 -3.23
CA MET A 101 -11.26 -3.96 -3.41
C MET A 101 -11.09 -2.45 -3.22
N VAL A 102 -11.76 -1.69 -4.09
CA VAL A 102 -11.71 -0.23 -4.06
C VAL A 102 -13.04 0.40 -3.66
N HIS A 103 -12.95 1.47 -2.87
CA HIS A 103 -14.11 2.23 -2.43
C HIS A 103 -13.96 3.61 -3.02
N ALA A 104 -15.01 4.07 -3.69
CA ALA A 104 -14.96 5.38 -4.32
C ALA A 104 -16.15 6.23 -3.92
N LEU A 105 -15.85 7.46 -3.51
CA LEU A 105 -16.90 8.37 -3.12
C LEU A 105 -16.75 9.68 -3.89
N ARG A 106 -17.73 9.94 -4.75
CA ARG A 106 -17.77 11.14 -5.58
C ARG A 106 -18.11 12.35 -4.70
N ILE A 107 -17.34 13.41 -4.84
CA ILE A 107 -17.66 14.63 -4.12
C ILE A 107 -17.62 15.84 -5.06
N ARG A 108 -18.72 16.59 -5.09
CA ARG A 108 -18.76 17.95 -5.65
C ARG A 108 -20.02 18.74 -5.29
N ASN A 109 -19.86 20.07 -5.25
CA ASN A 109 -20.94 21.01 -4.89
C ASN A 109 -21.67 20.69 -3.59
N GLY A 110 -20.89 20.55 -2.51
CA GLY A 110 -21.42 20.27 -1.17
C GLY A 110 -22.11 18.92 -1.07
N ALA A 111 -21.88 18.05 -2.05
CA ALA A 111 -22.59 16.78 -2.13
C ALA A 111 -21.67 15.56 -2.09
N ALA A 112 -22.27 14.44 -1.69
CA ALA A 112 -21.64 13.13 -1.80
C ALA A 112 -22.40 12.39 -2.88
N GLU A 113 -21.98 12.57 -4.13
CA GLU A 113 -22.74 12.10 -5.27
C GLU A 113 -22.98 10.59 -5.32
N SER A 114 -21.95 9.80 -5.00
CA SER A 114 -22.05 8.35 -5.14
C SER A 114 -21.00 7.59 -4.36
N TYR A 115 -21.44 6.61 -3.56
CA TYR A 115 -20.54 5.59 -3.00
C TYR A 115 -20.68 4.26 -3.70
N ALA A 116 -19.53 3.68 -4.04
CA ALA A 116 -19.45 2.37 -4.68
C ALA A 116 -18.29 1.60 -4.06
N CYS A 117 -18.40 0.27 -4.03
CA CYS A 117 -17.24 -0.56 -3.71
C CYS A 117 -17.24 -1.82 -4.57
N ARG A 118 -16.06 -2.18 -5.08
CA ARG A 118 -15.92 -3.29 -6.04
C ARG A 118 -14.56 -3.99 -5.90
N PHE A 119 -14.56 -5.30 -6.09
CA PHE A 119 -13.33 -6.07 -6.31
C PHE A 119 -12.64 -5.58 -7.59
N THR A 120 -11.32 -5.61 -7.64
CA THR A 120 -10.62 -5.49 -8.90
C THR A 120 -10.63 -6.89 -9.52
N GLU A 121 -11.16 -7.00 -10.74
CA GLU A 121 -11.29 -8.27 -11.45
C GLU A 121 -9.93 -8.84 -11.89
N THR A 122 -9.20 -9.42 -10.92
CA THR A 122 -7.89 -9.99 -11.19
C THR A 122 -8.01 -11.40 -11.76
N ALA A 123 -7.19 -11.68 -12.77
CA ALA A 123 -7.03 -13.03 -13.33
C ALA A 123 -7.20 -14.13 -12.29
N ARG A 124 -6.75 -13.83 -11.07
CA ARG A 124 -6.86 -14.71 -9.92
C ARG A 124 -8.32 -14.86 -9.46
N LEU A 125 -9.01 -13.73 -9.29
CA LEU A 125 -10.41 -13.74 -8.86
C LEU A 125 -11.36 -14.30 -9.94
N ARG A 126 -11.22 -13.82 -11.17
CA ARG A 126 -11.91 -14.38 -12.32
C ARG A 126 -11.88 -15.91 -12.32
N GLN A 127 -10.76 -16.50 -11.91
CA GLN A 127 -10.62 -17.96 -11.88
C GLN A 127 -11.20 -18.57 -10.62
N GLU A 128 -11.08 -17.87 -9.51
CA GLU A 128 -11.65 -18.36 -8.27
C GLU A 128 -13.18 -18.19 -8.23
N ARG A 129 -13.70 -17.27 -9.04
CA ARG A 129 -15.15 -17.13 -9.18
C ARG A 129 -15.73 -18.31 -9.93
N ALA A 130 -15.06 -18.67 -11.02
CA ALA A 130 -15.41 -19.84 -11.84
C ALA A 130 -15.62 -21.10 -11.00
N ILE A 131 -14.84 -21.26 -9.94
CA ILE A 131 -14.88 -22.48 -9.14
C ILE A 131 -15.61 -22.31 -7.82
N GLY A 132 -15.79 -21.06 -7.38
CA GLY A 132 -16.48 -20.76 -6.13
C GLY A 132 -15.70 -21.21 -4.90
N ARG A 133 -14.40 -20.96 -4.93
CA ARG A 133 -13.50 -21.56 -3.97
C ARG A 133 -12.15 -20.83 -4.10
N PRO A 134 -11.43 -20.63 -2.96
CA PRO A 134 -10.04 -20.23 -3.09
C PRO A 134 -9.25 -21.36 -3.75
N VAL A 135 -8.35 -21.02 -4.67
CA VAL A 135 -7.49 -22.02 -5.28
C VAL A 135 -6.03 -21.56 -5.34
N PHE A 136 -5.84 -20.25 -5.56
CA PHE A 136 -4.51 -19.65 -5.55
C PHE A 136 -4.02 -19.53 -4.10
N PRO A 137 -2.77 -19.95 -3.84
CA PRO A 137 -2.23 -19.98 -2.49
C PRO A 137 -2.02 -18.59 -1.93
N LYS A 138 -2.25 -18.41 -0.63
CA LYS A 138 -1.98 -17.13 0.04
C LYS A 138 -0.48 -16.91 0.19
N ALA A 139 -0.01 -15.74 -0.23
CA ALA A 139 1.42 -15.49 -0.34
C ALA A 139 2.12 -15.57 1.00
N ILE A 140 1.69 -14.75 1.96
CA ILE A 140 2.33 -14.69 3.26
C ILE A 140 1.84 -15.86 4.11
N GLY A 141 0.51 -16.00 4.19
CA GLY A 141 -0.10 -16.94 5.11
C GLY A 141 0.01 -18.40 4.73
N GLU A 142 0.21 -18.69 3.46
CA GLU A 142 0.41 -20.06 3.03
C GLU A 142 1.86 -20.30 2.68
N LEU A 143 2.37 -19.50 1.75
CA LEU A 143 3.66 -19.74 1.15
C LEU A 143 4.85 -19.40 2.05
N HIS A 144 4.63 -18.61 3.10
CA HIS A 144 5.70 -18.31 4.05
C HIS A 144 5.74 -19.37 5.15
N GLY A 145 4.65 -20.12 5.29
CA GLY A 145 4.58 -21.23 6.24
C GLY A 145 5.44 -22.44 5.90
N HIS A 146 5.34 -23.47 6.73
CA HIS A 146 6.07 -24.72 6.49
C HIS A 146 5.45 -25.55 5.35
N SER A 147 4.12 -25.62 5.31
CA SER A 147 3.40 -26.31 4.24
C SER A 147 3.57 -25.59 2.91
N GLY A 148 4.10 -24.38 2.97
CA GLY A 148 4.29 -23.52 1.81
C GLY A 148 4.72 -24.26 0.56
N ILE A 149 5.75 -25.07 0.67
CA ILE A 149 6.21 -25.80 -0.50
C ILE A 149 5.17 -26.79 -0.99
N ALA A 150 4.63 -27.62 -0.10
CA ALA A 150 3.55 -28.55 -0.45
C ALA A 150 2.45 -27.78 -1.16
N ARG A 151 2.04 -26.67 -0.57
CA ARG A 151 0.98 -25.83 -1.11
C ARG A 151 1.32 -25.41 -2.53
N LEU A 152 2.58 -25.05 -2.74
CA LEU A 152 3.04 -24.62 -4.05
C LEU A 152 2.97 -25.79 -5.03
N ALA A 153 3.17 -27.01 -4.53
CA ALA A 153 3.15 -28.18 -5.38
C ALA A 153 1.72 -28.52 -5.76
N LEU A 154 0.82 -28.40 -4.80
CA LEU A 154 -0.60 -28.64 -5.00
C LEU A 154 -1.11 -27.77 -6.13
N PHE A 155 -0.71 -26.49 -6.09
CA PHE A 155 -1.06 -25.51 -7.10
C PHE A 155 -0.49 -25.87 -8.45
N TYR A 156 0.81 -26.11 -8.51
CA TYR A 156 1.44 -26.44 -9.79
C TYR A 156 1.06 -27.82 -10.33
N ALA A 157 0.54 -28.67 -9.45
CA ALA A 157 -0.09 -29.91 -9.86
C ALA A 157 -1.41 -29.58 -10.56
N ARG A 158 -2.23 -28.75 -9.93
CA ARG A 158 -3.50 -28.32 -10.53
C ARG A 158 -3.28 -27.65 -11.88
N ALA A 159 -2.32 -26.73 -11.90
CA ALA A 159 -1.93 -26.03 -13.11
C ALA A 159 -1.46 -26.99 -14.21
N ALA A 160 -0.90 -28.13 -13.80
CA ALA A 160 -0.45 -29.17 -14.73
C ALA A 160 -1.62 -29.86 -15.41
N CYS A 161 -2.80 -29.80 -14.78
CA CYS A 161 -4.00 -30.41 -15.31
C CYS A 161 -4.91 -29.38 -15.96
N GLY A 162 -4.34 -28.24 -16.35
CA GLY A 162 -5.10 -27.16 -16.96
C GLY A 162 -6.25 -26.67 -16.09
N LEU A 163 -6.18 -26.97 -14.79
CA LEU A 163 -7.22 -26.56 -13.85
C LEU A 163 -7.03 -25.15 -13.32
N VAL A 164 -5.85 -24.58 -13.59
CA VAL A 164 -5.48 -23.24 -13.15
C VAL A 164 -4.51 -22.61 -14.14
N ASP A 165 -4.53 -21.29 -14.23
CA ASP A 165 -3.59 -20.58 -15.08
C ASP A 165 -2.90 -19.41 -14.39
N PRO A 166 -1.62 -19.60 -14.03
CA PRO A 166 -0.80 -18.56 -13.43
C PRO A 166 -0.25 -17.63 -14.50
N SER A 167 -0.20 -18.14 -15.73
CA SER A 167 0.30 -17.45 -16.92
C SER A 167 -0.15 -16.00 -17.09
N ALA A 168 -1.27 -15.63 -16.50
CA ALA A 168 -1.74 -14.24 -16.58
C ALA A 168 -1.39 -13.41 -15.33
N GLY A 169 -0.40 -13.86 -14.57
CA GLY A 169 -0.05 -13.22 -13.31
C GLY A 169 -0.99 -13.64 -12.22
N THR A 170 -0.50 -13.66 -10.98
CA THR A 170 -1.27 -14.13 -9.84
C THR A 170 -1.32 -13.09 -8.73
N GLY A 171 -1.10 -11.83 -9.11
CA GLY A 171 -1.17 -10.71 -8.18
C GLY A 171 -2.56 -10.52 -7.64
N VAL A 172 -2.68 -9.71 -6.60
CA VAL A 172 -3.96 -9.56 -5.92
C VAL A 172 -4.45 -8.10 -5.89
N ALA A 173 -3.64 -7.22 -6.47
CA ALA A 173 -3.96 -5.80 -6.67
C ALA A 173 -4.62 -5.07 -5.49
N ASN A 174 -4.09 -5.24 -4.29
CA ASN A 174 -4.72 -4.62 -3.10
C ASN A 174 -3.95 -3.48 -2.43
N ALA A 175 -2.72 -3.25 -2.89
CA ALA A 175 -1.78 -2.37 -2.18
C ALA A 175 -1.67 -0.96 -2.74
N GLY A 176 -2.76 -0.19 -2.67
CA GLY A 176 -2.71 1.22 -3.10
C GLY A 176 -3.00 1.58 -4.56
N LEU A 177 -3.16 2.88 -4.82
CA LEU A 177 -3.60 3.38 -6.11
C LEU A 177 -2.87 4.65 -6.50
N VAL A 178 -2.63 4.81 -7.79
CA VAL A 178 -2.22 6.11 -8.34
C VAL A 178 -3.11 6.52 -9.52
N TYR A 179 -3.24 7.83 -9.71
CA TYR A 179 -3.87 8.30 -10.93
C TYR A 179 -2.78 8.85 -11.83
N PHE A 180 -2.44 8.10 -12.88
CA PHE A 180 -1.37 8.51 -13.80
C PHE A 180 -1.76 8.46 -15.28
N ASN A 181 -1.49 9.58 -15.96
CA ASN A 181 -1.85 9.81 -17.36
C ASN A 181 -3.27 9.34 -17.70
N GLY A 182 -4.24 9.78 -16.90
CA GLY A 182 -5.64 9.45 -17.13
C GLY A 182 -6.04 8.02 -16.77
N ARG A 183 -5.21 7.32 -15.99
CA ARG A 183 -5.61 5.99 -15.55
C ARG A 183 -5.49 5.83 -14.06
N LEU A 184 -6.55 5.29 -13.45
CA LEU A 184 -6.49 4.81 -12.07
C LEU A 184 -5.91 3.39 -12.05
N LEU A 185 -4.77 3.21 -11.40
CA LEU A 185 -4.07 1.93 -11.36
C LEU A 185 -4.09 1.26 -9.98
N ALA A 186 -4.54 0.01 -9.95
CA ALA A 186 -4.61 -0.76 -8.71
C ALA A 186 -3.30 -1.52 -8.50
N MET A 187 -2.53 -1.10 -7.50
CA MET A 187 -1.15 -1.54 -7.30
C MET A 187 -0.99 -2.91 -6.64
N SER A 188 -0.33 -3.80 -7.37
CA SER A 188 -0.05 -5.18 -6.95
C SER A 188 1.45 -5.35 -6.64
N GLU A 189 1.80 -5.87 -5.47
CA GLU A 189 3.24 -6.02 -5.04
C GLU A 189 4.10 -6.88 -5.98
N ASP A 190 3.48 -7.92 -6.51
CA ASP A 190 4.15 -8.98 -7.23
C ASP A 190 3.48 -9.21 -8.59
N ASP A 191 2.74 -8.22 -9.06
CA ASP A 191 2.10 -8.34 -10.35
C ASP A 191 2.08 -6.96 -11.01
N LEU A 192 1.72 -6.93 -12.29
CA LEU A 192 1.45 -5.71 -13.02
C LEU A 192 0.30 -4.96 -12.35
N PRO A 193 0.25 -3.63 -12.56
CA PRO A 193 -0.93 -2.86 -12.17
C PRO A 193 -2.17 -3.33 -12.92
N TYR A 194 -3.34 -3.20 -12.29
CA TYR A 194 -4.62 -3.36 -12.97
C TYR A 194 -5.22 -2.00 -13.19
N HIS A 195 -5.59 -1.73 -14.43
CA HIS A 195 -6.30 -0.53 -14.81
C HIS A 195 -7.74 -0.59 -14.32
N VAL A 196 -8.14 0.42 -13.54
CA VAL A 196 -9.52 0.55 -13.13
C VAL A 196 -10.13 1.81 -13.73
N ARG A 197 -11.31 1.66 -14.34
CA ARG A 197 -12.08 2.80 -14.84
C ARG A 197 -13.08 3.26 -13.77
N VAL A 198 -12.92 4.50 -13.33
CA VAL A 198 -13.92 5.16 -12.51
C VAL A 198 -15.00 5.49 -13.49
N ALA A 199 -16.17 4.86 -13.33
CA ALA A 199 -17.27 5.03 -14.29
C ALA A 199 -18.05 6.32 -14.04
N ASP A 200 -18.51 6.90 -15.13
CA ASP A 200 -19.30 8.15 -15.09
C ASP A 200 -20.55 8.07 -14.20
N ASP A 201 -21.10 6.87 -13.99
CA ASP A 201 -22.21 6.68 -13.04
C ASP A 201 -21.78 6.57 -11.57
N GLY A 202 -20.48 6.47 -11.32
CA GLY A 202 -19.94 6.38 -9.96
C GLY A 202 -19.34 5.01 -9.64
N ASP A 203 -19.59 4.08 -10.55
CA ASP A 203 -19.13 2.70 -10.44
C ASP A 203 -17.63 2.57 -10.75
N LEU A 204 -17.13 1.34 -10.64
CA LEU A 204 -15.72 0.99 -10.92
C LEU A 204 -15.67 -0.31 -11.73
N GLU A 205 -15.10 -0.26 -12.93
CA GLU A 205 -14.90 -1.46 -13.74
C GLU A 205 -13.42 -1.74 -13.99
N THR A 206 -13.04 -2.99 -13.82
CA THR A 206 -11.67 -3.40 -14.06
C THR A 206 -11.48 -3.57 -15.57
N VAL A 207 -10.79 -2.60 -16.18
CA VAL A 207 -10.41 -2.67 -17.58
C VAL A 207 -9.57 -3.92 -17.83
N GLY A 208 -8.45 -4.02 -17.13
CA GLY A 208 -7.56 -5.18 -17.25
C GLY A 208 -6.19 -4.94 -16.65
N ARG A 209 -5.30 -5.89 -16.89
CA ARG A 209 -3.93 -5.87 -16.39
C ARG A 209 -3.11 -4.86 -17.19
N TYR A 210 -2.61 -3.81 -16.54
CA TYR A 210 -1.87 -2.78 -17.28
C TYR A 210 -0.36 -2.92 -17.27
N ASP A 211 0.21 -3.21 -18.44
CA ASP A 211 1.62 -3.01 -18.71
C ASP A 211 1.68 -1.73 -19.53
N PHE A 212 2.60 -0.83 -19.18
CA PHE A 212 2.61 0.51 -19.75
C PHE A 212 2.92 0.51 -21.24
N ASP A 213 1.90 0.32 -22.06
CA ASP A 213 2.03 0.23 -23.51
C ASP A 213 3.23 -0.61 -23.95
N GLY A 214 3.20 -1.89 -23.61
CA GLY A 214 4.28 -2.80 -23.93
C GLY A 214 5.47 -2.69 -23.00
N GLN A 215 5.69 -1.51 -22.43
CA GLN A 215 6.96 -1.17 -21.78
C GLN A 215 7.28 -1.93 -20.49
N LEU A 216 6.31 -2.05 -19.59
CA LEU A 216 6.57 -2.69 -18.29
C LEU A 216 6.52 -4.22 -18.36
N GLY A 217 7.67 -4.83 -18.09
CA GLY A 217 7.84 -6.28 -18.25
C GLY A 217 7.92 -7.05 -16.94
N CYS A 218 8.28 -6.36 -15.86
CA CYS A 218 8.42 -6.98 -14.56
C CYS A 218 7.39 -6.39 -13.62
N ALA A 219 7.32 -6.90 -12.39
CA ALA A 219 6.46 -6.28 -11.38
C ALA A 219 7.20 -5.10 -10.78
N MET A 220 6.49 -3.99 -10.58
CA MET A 220 7.11 -2.84 -9.90
C MET A 220 6.55 -2.73 -8.50
N ILE A 221 7.24 -1.98 -7.65
CA ILE A 221 6.80 -1.80 -6.26
C ILE A 221 5.52 -0.97 -6.17
N ALA A 222 4.75 -1.18 -5.11
CA ALA A 222 3.40 -0.63 -5.05
C ALA A 222 3.32 0.84 -4.64
N HIS A 223 4.45 1.47 -4.32
CA HIS A 223 4.47 2.89 -4.01
C HIS A 223 5.28 3.72 -5.03
N PRO A 224 4.86 3.74 -6.32
CA PRO A 224 5.64 4.60 -7.21
C PRO A 224 5.33 6.05 -6.90
N LYS A 225 6.27 6.95 -7.11
CA LYS A 225 6.07 8.36 -6.74
C LYS A 225 5.87 9.32 -7.94
N LEU A 226 4.79 10.09 -7.94
CA LEU A 226 4.50 11.01 -9.05
C LEU A 226 4.94 12.45 -8.74
N ASP A 227 5.98 12.92 -9.43
CA ASP A 227 6.51 14.25 -9.21
C ASP A 227 5.50 15.33 -9.58
N PRO A 228 5.23 16.26 -8.65
CA PRO A 228 4.22 17.31 -8.85
C PRO A 228 4.60 18.27 -9.98
N ALA A 229 5.87 18.65 -10.05
CA ALA A 229 6.34 19.53 -11.10
C ALA A 229 6.39 18.84 -12.46
N THR A 230 7.10 17.73 -12.58
CA THR A 230 7.39 17.17 -13.90
C THR A 230 6.28 16.32 -14.47
N GLY A 231 5.39 15.85 -13.61
CA GLY A 231 4.35 14.92 -14.05
C GLY A 231 4.90 13.54 -14.37
N GLU A 232 6.20 13.36 -14.14
CA GLU A 232 6.85 12.05 -14.28
C GLU A 232 6.49 11.11 -13.11
N LEU A 233 6.28 9.83 -13.42
CA LEU A 233 6.05 8.82 -12.38
C LEU A 233 7.28 7.97 -12.20
N HIS A 234 7.87 8.03 -11.00
CA HIS A 234 9.15 7.37 -10.71
C HIS A 234 8.96 6.07 -9.99
N ALA A 235 9.58 5.00 -10.50
CA ALA A 235 9.35 3.65 -9.99
C ALA A 235 10.61 2.86 -9.65
N LEU A 236 10.45 1.84 -8.80
CA LEU A 236 11.47 0.84 -8.55
C LEU A 236 10.87 -0.53 -8.78
N SER A 237 11.69 -1.45 -9.26
CA SER A 237 11.31 -2.86 -9.29
C SER A 237 12.44 -3.71 -8.73
N TYR A 238 12.08 -4.69 -7.90
CA TYR A 238 13.03 -5.69 -7.43
C TYR A 238 12.61 -7.08 -7.87
N ASP A 239 13.60 -7.85 -8.31
CA ASP A 239 13.41 -9.22 -8.73
C ASP A 239 14.20 -10.03 -7.73
N VAL A 240 13.56 -10.99 -7.09
CA VAL A 240 14.21 -11.75 -6.02
C VAL A 240 15.16 -12.82 -6.55
N ILE A 241 15.15 -13.05 -7.87
CA ILE A 241 15.95 -14.13 -8.43
C ILE A 241 17.17 -13.67 -9.24
N LYS A 242 16.98 -13.05 -10.39
CA LYS A 242 18.13 -12.81 -11.30
C LYS A 242 18.99 -11.59 -11.01
N ARG A 243 20.24 -11.68 -11.49
CA ARG A 243 21.40 -10.84 -11.12
C ARG A 243 21.15 -9.42 -10.61
N PRO A 244 20.49 -8.54 -11.42
CA PRO A 244 20.14 -7.21 -10.87
C PRO A 244 18.86 -7.26 -10.04
N TYR A 245 19.02 -7.24 -8.70
CA TYR A 245 17.87 -7.38 -7.80
C TYR A 245 17.08 -6.10 -7.61
N LEU A 246 17.52 -5.03 -8.28
CA LEU A 246 16.87 -3.73 -8.15
C LEU A 246 17.07 -2.83 -9.36
N LYS A 247 15.97 -2.46 -10.01
CA LYS A 247 16.02 -1.50 -11.10
C LYS A 247 15.40 -0.20 -10.63
N TYR A 248 15.81 0.91 -11.26
CA TYR A 248 15.08 2.17 -11.18
C TYR A 248 14.73 2.65 -12.57
N PHE A 249 13.50 3.13 -12.73
CA PHE A 249 13.03 3.73 -13.98
C PHE A 249 11.84 4.62 -13.73
N TYR A 250 11.47 5.42 -14.75
CA TYR A 250 10.28 6.28 -14.69
C TYR A 250 9.50 6.41 -15.99
N PHE A 251 8.33 7.06 -15.90
CA PHE A 251 7.48 7.37 -17.04
C PHE A 251 7.21 8.86 -17.11
N ARG A 252 7.28 9.40 -18.31
CA ARG A 252 6.93 10.80 -18.56
C ARG A 252 5.42 10.93 -18.75
N PRO A 253 4.90 12.17 -18.74
CA PRO A 253 3.49 12.35 -19.08
C PRO A 253 3.13 11.75 -20.44
N ASP A 254 4.12 11.57 -21.31
CA ASP A 254 3.93 10.97 -22.64
C ASP A 254 3.75 9.46 -22.53
N GLY A 255 3.81 8.95 -21.31
CA GLY A 255 3.75 7.51 -21.06
C GLY A 255 4.96 6.79 -21.61
N THR A 256 5.99 7.55 -21.95
CA THR A 256 7.26 7.02 -22.44
C THR A 256 8.10 6.55 -21.26
N LYS A 257 8.72 5.38 -21.40
CA LYS A 257 9.53 4.81 -20.33
C LYS A 257 11.02 5.09 -20.53
N SER A 258 11.68 5.49 -19.45
CA SER A 258 13.12 5.72 -19.47
C SER A 258 13.89 4.41 -19.62
N ASP A 259 15.19 4.53 -19.84
CA ASP A 259 16.09 3.37 -19.82
C ASP A 259 16.27 2.94 -18.38
N ASP A 260 16.35 1.63 -18.16
CA ASP A 260 16.51 1.12 -16.81
C ASP A 260 17.87 1.44 -16.21
N VAL A 261 17.84 1.93 -14.98
CA VAL A 261 19.07 2.15 -14.21
C VAL A 261 19.19 1.03 -13.21
N GLU A 262 20.15 0.14 -13.46
CA GLU A 262 20.33 -1.03 -12.60
C GLU A 262 21.00 -0.61 -11.29
N ILE A 263 20.51 -1.17 -10.20
CA ILE A 263 21.08 -0.91 -8.91
C ILE A 263 21.50 -2.28 -8.39
N PRO A 264 22.79 -2.62 -8.53
CA PRO A 264 23.16 -3.93 -8.05
C PRO A 264 23.23 -3.94 -6.52
N LEU A 265 22.59 -4.93 -5.91
CA LEU A 265 22.68 -5.16 -4.47
C LEU A 265 23.29 -6.53 -4.20
N GLU A 266 23.87 -6.67 -3.01
CA GLU A 266 24.53 -7.91 -2.61
C GLU A 266 23.56 -9.06 -2.47
N GLN A 267 22.36 -8.78 -1.97
CA GLN A 267 21.33 -9.80 -1.88
C GLN A 267 19.92 -9.26 -2.20
N PRO A 268 18.93 -10.16 -2.40
CA PRO A 268 17.64 -9.65 -2.80
C PRO A 268 16.93 -8.94 -1.66
N THR A 269 16.82 -7.63 -1.76
CA THR A 269 16.19 -6.85 -0.69
C THR A 269 14.71 -6.51 -0.96
N MET A 270 13.84 -6.81 0.00
CA MET A 270 12.44 -6.38 -0.04
C MET A 270 12.39 -4.89 0.11
N ILE A 271 11.63 -4.19 -0.73
CA ILE A 271 11.57 -2.74 -0.68
C ILE A 271 10.13 -2.27 -0.87
N HIS A 272 9.40 -1.98 0.21
CA HIS A 272 7.96 -1.70 0.08
C HIS A 272 7.72 -0.35 -0.56
N ASP A 273 8.62 0.59 -0.26
CA ASP A 273 8.37 2.00 -0.52
C ASP A 273 9.73 2.63 -0.77
N PHE A 274 9.72 3.77 -1.46
CA PHE A 274 10.91 4.63 -1.50
C PHE A 274 10.49 6.10 -1.56
N ALA A 275 11.42 6.98 -1.88
CA ALA A 275 11.13 8.39 -1.85
C ALA A 275 11.82 9.18 -2.96
N ILE A 276 11.38 10.43 -3.11
CA ILE A 276 11.70 11.28 -4.25
C ILE A 276 12.20 12.63 -3.73
N THR A 277 13.01 13.34 -4.47
CA THR A 277 13.29 14.74 -4.10
C THR A 277 13.07 15.55 -5.34
N GLU A 278 13.48 16.82 -5.32
CA GLU A 278 13.35 17.65 -6.50
C GLU A 278 14.14 17.07 -7.67
N ASN A 279 15.36 16.61 -7.38
CA ASN A 279 16.29 16.20 -8.44
C ASN A 279 16.81 14.77 -8.31
N LEU A 280 16.40 14.06 -7.26
CA LEU A 280 16.99 12.74 -6.97
C LEU A 280 16.00 11.78 -6.32
N VAL A 281 16.22 10.50 -6.55
CA VAL A 281 15.49 9.42 -5.92
C VAL A 281 16.19 8.97 -4.64
N VAL A 282 15.42 8.53 -3.64
CA VAL A 282 16.02 8.04 -2.40
C VAL A 282 15.62 6.59 -2.15
N VAL A 283 16.54 5.66 -2.35
CA VAL A 283 16.20 4.26 -2.21
C VAL A 283 16.59 3.73 -0.81
N PRO A 284 15.63 3.14 -0.08
CA PRO A 284 15.94 2.53 1.20
C PRO A 284 16.35 1.05 1.09
N ASP A 285 17.64 0.80 1.22
CA ASP A 285 18.16 -0.56 1.32
C ASP A 285 18.23 -1.04 2.77
N HIS A 286 17.24 -1.82 3.20
CA HIS A 286 17.17 -2.23 4.62
C HIS A 286 17.47 -3.70 4.93
N GLN A 287 17.31 -4.09 6.21
CA GLN A 287 17.72 -5.42 6.66
C GLN A 287 16.78 -6.60 6.34
N VAL A 288 15.53 -6.31 5.98
CA VAL A 288 14.55 -7.33 5.60
C VAL A 288 14.90 -7.79 4.20
N VAL A 289 15.10 -9.10 4.03
CA VAL A 289 15.80 -9.68 2.87
C VAL A 289 15.22 -11.04 2.42
N PHE A 290 15.37 -11.38 1.14
CA PHE A 290 14.87 -12.66 0.63
C PHE A 290 15.90 -13.78 0.61
N LYS A 291 15.68 -14.78 1.45
CA LYS A 291 16.47 -16.01 1.41
C LYS A 291 15.55 -17.15 1.06
N LEU A 292 15.35 -17.36 -0.24
CA LEU A 292 14.38 -18.34 -0.75
C LEU A 292 14.70 -19.75 -0.30
N GLN A 293 15.99 -20.03 -0.13
CA GLN A 293 16.50 -21.27 0.44
C GLN A 293 15.57 -21.78 1.56
N GLU A 294 15.27 -20.87 2.50
CA GLU A 294 14.54 -21.18 3.73
C GLU A 294 13.32 -22.04 3.54
N MET A 295 12.74 -21.98 2.35
CA MET A 295 11.45 -22.55 2.08
C MET A 295 11.53 -24.04 1.85
N LEU A 296 12.72 -24.52 1.47
CA LEU A 296 12.98 -25.96 1.32
C LEU A 296 13.04 -26.63 2.70
N ARG A 297 13.38 -25.82 3.70
CA ARG A 297 13.16 -26.14 5.11
C ARG A 297 11.78 -25.56 5.45
N GLY A 298 11.31 -25.76 6.67
CA GLY A 298 9.96 -25.26 7.04
C GLY A 298 9.79 -23.74 7.07
N GLY A 299 10.78 -23.02 6.55
CA GLY A 299 10.94 -21.62 6.94
C GLY A 299 10.40 -20.57 6.01
N SER A 300 10.21 -19.37 6.56
CA SER A 300 9.78 -18.21 5.79
C SER A 300 10.93 -17.75 4.90
N PRO A 301 10.62 -17.36 3.67
CA PRO A 301 11.67 -16.88 2.77
C PRO A 301 12.03 -15.41 3.03
N VAL A 302 11.27 -14.75 3.91
CA VAL A 302 11.51 -13.33 4.24
C VAL A 302 12.14 -13.29 5.62
N VAL A 303 13.43 -12.94 5.64
CA VAL A 303 14.29 -13.00 6.83
C VAL A 303 14.70 -11.58 7.18
N LEU A 304 14.98 -11.31 8.46
CA LEU A 304 15.61 -10.04 8.83
C LEU A 304 17.09 -10.23 9.15
N ASP A 305 17.96 -9.67 8.33
CA ASP A 305 19.39 -10.00 8.39
C ASP A 305 20.15 -9.06 9.34
N ALA A 306 20.26 -9.49 10.59
CA ALA A 306 20.80 -8.66 11.65
C ALA A 306 22.15 -8.12 11.24
N ALA A 307 22.92 -9.00 10.60
CA ALA A 307 24.29 -8.70 10.17
C ALA A 307 24.36 -7.54 9.20
N LYS A 308 23.44 -7.53 8.22
CA LYS A 308 23.41 -6.54 7.14
C LYS A 308 23.34 -5.11 7.66
N THR A 309 23.97 -4.18 6.97
CA THR A 309 23.90 -2.77 7.36
C THR A 309 22.86 -1.97 6.56
N SER A 310 21.88 -1.41 7.27
CA SER A 310 20.83 -0.54 6.69
C SER A 310 21.42 0.68 6.02
N ARG A 311 20.94 1.01 4.82
CA ARG A 311 21.44 2.22 4.15
C ARG A 311 20.42 2.89 3.25
N PHE A 312 20.75 4.09 2.79
CA PHE A 312 19.88 4.82 1.87
C PHE A 312 20.70 5.25 0.69
N GLY A 313 20.31 4.80 -0.49
CA GLY A 313 20.99 5.23 -1.71
C GLY A 313 20.39 6.53 -2.19
N VAL A 314 21.24 7.44 -2.65
CA VAL A 314 20.75 8.62 -3.31
C VAL A 314 21.21 8.60 -4.76
N LEU A 315 20.23 8.68 -5.66
CA LEU A 315 20.52 8.54 -7.08
C LEU A 315 19.88 9.66 -7.85
N PRO A 316 20.64 10.30 -8.75
CA PRO A 316 20.09 11.38 -9.57
C PRO A 316 18.99 10.81 -10.43
N LYS A 317 17.89 11.55 -10.59
CA LYS A 317 16.72 11.06 -11.32
C LYS A 317 17.04 10.73 -12.79
N HIS A 318 17.82 11.59 -13.45
CA HIS A 318 18.17 11.30 -14.83
C HIS A 318 19.54 10.65 -14.89
N ALA A 319 19.74 9.62 -14.07
CA ALA A 319 21.02 8.92 -14.03
C ALA A 319 21.19 8.00 -15.23
N ALA A 320 22.42 7.84 -15.69
CA ALA A 320 22.69 6.93 -16.79
C ALA A 320 23.24 5.59 -16.30
N ASP A 321 23.97 5.59 -15.19
CA ASP A 321 24.57 4.36 -14.63
C ASP A 321 24.45 4.29 -13.12
N ALA A 322 24.45 3.08 -12.60
CA ALA A 322 24.44 2.85 -11.16
C ALA A 322 25.59 3.58 -10.45
N SER A 323 26.71 3.77 -11.15
CA SER A 323 27.88 4.42 -10.56
C SER A 323 27.58 5.82 -10.04
N GLU A 324 26.42 6.34 -10.39
CA GLU A 324 26.00 7.66 -9.94
C GLU A 324 25.34 7.60 -8.56
N MET A 325 25.02 6.40 -8.09
CA MET A 325 24.33 6.17 -6.82
C MET A 325 25.26 6.45 -5.64
N ALA A 326 24.74 7.05 -4.57
CA ALA A 326 25.54 7.41 -3.39
C ALA A 326 25.04 6.77 -2.10
N TRP A 327 25.68 5.68 -1.67
CA TRP A 327 25.17 4.92 -0.52
C TRP A 327 25.52 5.51 0.85
N VAL A 328 24.51 5.75 1.67
CA VAL A 328 24.72 6.28 3.02
C VAL A 328 24.20 5.33 4.08
N ASP A 329 25.12 4.78 4.89
CA ASP A 329 24.80 3.90 6.01
C ASP A 329 23.97 4.61 7.08
N VAL A 330 22.90 3.96 7.51
CA VAL A 330 22.12 4.38 8.66
C VAL A 330 21.83 3.11 9.45
N PRO A 331 22.76 2.67 10.31
CA PRO A 331 22.66 1.37 10.92
C PRO A 331 21.36 1.20 11.68
N ASP A 332 20.80 0.00 11.67
CA ASP A 332 19.69 -0.38 12.54
C ASP A 332 18.47 0.49 12.36
N CYS A 333 18.11 0.72 11.11
CA CYS A 333 16.88 1.42 10.78
C CYS A 333 16.12 0.66 9.69
N PHE A 334 14.84 0.37 9.95
CA PHE A 334 13.97 -0.17 8.94
C PHE A 334 12.76 0.72 8.87
N CYS A 335 12.40 1.18 7.68
CA CYS A 335 11.11 1.87 7.57
C CYS A 335 10.32 1.25 6.46
N PHE A 336 9.07 0.90 6.77
CA PHE A 336 8.17 0.31 5.81
C PHE A 336 7.71 1.35 4.82
N HIS A 337 7.50 2.59 5.27
CA HIS A 337 7.04 3.65 4.36
C HIS A 337 7.90 4.88 4.53
N LEU A 338 8.12 5.62 3.44
CA LEU A 338 8.75 6.94 3.53
C LEU A 338 7.79 8.09 3.15
N TRP A 339 7.18 8.74 4.13
CA TRP A 339 6.25 9.84 3.84
C TRP A 339 6.77 10.82 2.81
N ASN A 340 7.92 11.45 3.06
CA ASN A 340 8.45 12.44 2.13
C ASN A 340 9.95 12.55 2.30
N ALA A 341 10.61 13.14 1.30
CA ALA A 341 12.04 13.48 1.35
C ALA A 341 12.27 14.77 0.57
N TRP A 342 13.30 15.54 0.93
CA TRP A 342 13.60 16.80 0.24
C TRP A 342 15.05 17.19 0.32
N GLU A 343 15.47 18.08 -0.57
CA GLU A 343 16.86 18.54 -0.61
C GLU A 343 17.07 19.79 0.22
N ASP A 344 17.81 19.66 1.32
CA ASP A 344 18.13 20.81 2.15
C ASP A 344 19.31 21.57 1.51
N GLU A 345 18.97 22.69 0.86
CA GLU A 345 19.95 23.43 0.07
C GLU A 345 21.03 24.04 0.96
N ALA A 346 20.61 24.58 2.12
CA ALA A 346 21.50 25.14 3.15
C ALA A 346 22.58 24.19 3.66
N THR A 347 22.38 22.87 3.48
CA THR A 347 23.40 21.90 3.86
C THR A 347 23.89 21.04 2.71
N GLY A 348 23.13 20.97 1.62
CA GLY A 348 23.45 20.02 0.55
C GLY A 348 23.07 18.62 0.97
N GLU A 349 22.41 18.51 2.13
CA GLU A 349 21.93 17.24 2.63
C GLU A 349 20.60 16.85 2.02
N VAL A 350 20.26 15.57 2.10
CA VAL A 350 18.93 15.09 1.75
C VAL A 350 18.19 14.74 3.05
N VAL A 351 17.03 15.35 3.26
CA VAL A 351 16.24 15.09 4.44
C VAL A 351 15.14 14.08 4.09
N VAL A 352 15.03 13.01 4.86
CA VAL A 352 14.02 12.00 4.63
C VAL A 352 13.16 11.84 5.87
N ILE A 353 11.86 11.97 5.70
CA ILE A 353 10.90 11.79 6.78
C ILE A 353 10.08 10.53 6.55
N GLY A 354 10.20 9.58 7.47
CA GLY A 354 9.41 8.36 7.41
C GLY A 354 9.11 7.82 8.79
N SER A 355 8.69 6.58 8.84
CA SER A 355 8.39 6.01 10.12
C SER A 355 9.02 4.63 10.20
N CYS A 356 9.85 4.45 11.22
CA CYS A 356 10.70 3.29 11.29
C CYS A 356 10.59 2.60 12.62
N MET A 357 11.18 1.42 12.67
CA MET A 357 11.32 0.61 13.85
C MET A 357 12.81 0.24 13.91
N THR A 358 13.43 0.31 15.11
CA THR A 358 14.87 -0.01 15.31
C THR A 358 15.10 -1.44 15.84
N PRO A 359 15.23 -2.42 14.93
CA PRO A 359 14.99 -3.81 15.29
C PRO A 359 16.11 -4.53 16.06
N ALA A 360 15.77 -5.00 17.26
CA ALA A 360 16.60 -5.93 18.02
C ALA A 360 16.08 -7.37 17.76
N ASP A 361 15.14 -7.45 16.82
CA ASP A 361 14.35 -8.64 16.50
C ASP A 361 15.16 -9.89 16.09
N SER A 362 14.55 -11.05 16.30
CA SER A 362 15.14 -12.34 15.95
C SER A 362 14.46 -12.92 14.71
N ILE A 363 14.38 -14.25 14.65
CA ILE A 363 13.79 -14.93 13.51
C ILE A 363 12.28 -14.81 13.43
N PHE A 364 11.59 -15.15 14.54
CA PHE A 364 10.11 -15.08 14.61
C PHE A 364 9.69 -13.62 14.45
N ASN A 365 9.23 -13.26 13.25
CA ASN A 365 9.00 -11.85 12.92
C ASN A 365 7.78 -11.30 13.62
N GLU A 366 6.75 -12.14 13.69
CA GLU A 366 5.56 -11.79 14.44
C GLU A 366 4.82 -12.98 15.06
N SER A 367 5.04 -13.14 16.36
CA SER A 367 4.24 -14.00 17.24
C SER A 367 4.65 -13.55 18.65
N ASP A 368 5.43 -12.47 18.67
CA ASP A 368 6.03 -11.90 19.88
C ASP A 368 5.53 -10.49 20.18
N GLU A 369 6.26 -9.79 21.06
CA GLU A 369 5.79 -8.55 21.70
C GLU A 369 6.62 -7.28 21.42
N ARG A 370 5.99 -6.12 21.62
CA ARG A 370 6.59 -4.79 21.51
C ARG A 370 6.94 -4.34 20.09
N LEU A 371 5.92 -3.95 19.32
CA LEU A 371 6.14 -3.40 17.98
C LEU A 371 5.95 -1.88 17.96
N GLU A 372 7.07 -1.16 18.02
CA GLU A 372 7.07 0.30 17.93
C GLU A 372 7.25 0.73 16.49
N SER A 373 6.69 1.88 16.14
CA SER A 373 6.83 2.42 14.80
C SER A 373 6.77 3.94 14.82
N VAL A 374 7.95 4.54 14.67
CA VAL A 374 8.28 5.89 15.11
C VAL A 374 8.53 6.85 13.95
N LEU A 375 7.88 8.01 13.97
CA LEU A 375 8.13 9.03 12.95
C LEU A 375 9.53 9.61 13.10
N THR A 376 10.33 9.43 12.06
CA THR A 376 11.74 9.71 12.10
C THR A 376 12.13 10.76 11.08
N GLU A 377 13.11 11.58 11.44
CA GLU A 377 13.79 12.44 10.51
C GLU A 377 15.15 11.80 10.30
N ILE A 378 15.44 11.43 9.07
CA ILE A 378 16.75 10.89 8.70
C ILE A 378 17.42 11.88 7.78
N ARG A 379 18.61 12.37 8.17
CA ARG A 379 19.37 13.28 7.32
C ARG A 379 20.52 12.56 6.67
N LEU A 380 20.61 12.68 5.36
CA LEU A 380 21.68 12.06 4.58
C LEU A 380 22.62 13.12 4.01
N ASP A 381 23.92 12.90 4.06
CA ASP A 381 24.88 13.77 3.37
C ASP A 381 25.75 12.88 2.47
N ALA A 382 25.25 12.67 1.25
CA ALA A 382 25.82 11.74 0.27
C ALA A 382 27.35 11.77 0.09
N ARG A 383 27.93 12.95 -0.14
CA ARG A 383 29.38 13.08 -0.34
C ARG A 383 30.21 12.51 0.81
N THR A 384 29.83 12.84 2.04
CA THR A 384 30.54 12.37 3.26
C THR A 384 30.14 10.97 3.70
N GLY A 385 28.92 10.56 3.38
CA GLY A 385 28.45 9.25 3.77
C GLY A 385 27.96 9.12 5.21
N ARG A 386 28.13 10.17 6.02
CA ARG A 386 27.63 10.14 7.39
C ARG A 386 26.19 10.58 7.41
N SER A 387 25.39 10.01 8.31
CA SER A 387 23.92 10.24 8.36
C SER A 387 23.43 10.73 9.73
N THR A 388 22.12 10.87 9.90
CA THR A 388 21.55 11.30 11.16
C THR A 388 20.11 10.78 11.31
N ARG A 389 19.73 10.38 12.54
CA ARG A 389 18.42 9.74 12.74
C ARG A 389 17.77 10.14 14.06
N ARG A 390 16.73 10.96 13.99
CA ARG A 390 16.01 11.41 15.19
C ARG A 390 14.52 11.20 15.10
N ALA A 391 13.91 10.95 16.25
CA ALA A 391 12.47 10.96 16.39
C ALA A 391 11.99 12.37 16.25
N VAL A 392 10.94 12.57 15.45
CA VAL A 392 10.29 13.87 15.33
C VAL A 392 9.57 14.29 16.62
N LEU A 393 8.87 13.40 17.29
CA LEU A 393 8.14 13.79 18.49
C LEU A 393 8.97 13.66 19.76
N PRO A 394 8.92 14.66 20.66
CA PRO A 394 9.56 14.57 21.96
C PRO A 394 9.00 13.39 22.74
N PRO A 395 9.74 12.88 23.75
CA PRO A 395 9.22 11.73 24.47
C PRO A 395 7.98 12.02 25.35
N SER A 396 7.51 13.27 25.40
CA SER A 396 6.24 13.56 26.05
C SER A 396 5.15 13.04 25.15
N GLN A 397 4.82 13.76 24.09
CA GLN A 397 3.78 13.25 23.19
C GLN A 397 4.33 12.35 22.07
N GLN A 398 5.11 11.33 22.46
CA GLN A 398 5.43 10.21 21.55
C GLN A 398 4.21 9.28 21.41
N VAL A 399 3.75 9.14 20.17
CA VAL A 399 2.53 8.36 19.90
C VAL A 399 2.77 7.56 18.64
N ASN A 400 2.16 6.39 18.54
CA ASN A 400 2.35 5.59 17.34
C ASN A 400 1.77 6.28 16.14
N LEU A 401 2.58 6.52 15.13
CA LEU A 401 2.04 7.19 13.97
C LEU A 401 2.30 6.34 12.75
N GLU A 402 1.21 5.78 12.25
CA GLU A 402 1.26 4.87 11.12
C GLU A 402 0.97 5.59 9.84
N VAL A 403 0.50 4.84 8.84
CA VAL A 403 0.20 5.31 7.48
C VAL A 403 -0.31 6.72 7.42
N GLY A 404 0.22 7.47 6.46
CA GLY A 404 -0.05 8.89 6.34
C GLY A 404 0.48 9.50 5.06
N MET A 405 0.53 10.82 5.05
CA MET A 405 0.56 11.57 3.83
C MET A 405 1.13 12.94 4.07
N VAL A 406 1.78 13.48 3.05
CA VAL A 406 2.16 14.86 3.05
C VAL A 406 1.45 15.50 1.85
N ASN A 407 1.33 16.82 1.82
CA ASN A 407 0.73 17.49 0.68
C ASN A 407 1.28 17.00 -0.68
N ARG A 408 0.46 16.22 -1.39
CA ARG A 408 0.74 15.72 -2.76
C ARG A 408 1.51 16.67 -3.71
N ASN A 409 1.21 17.97 -3.64
CA ASN A 409 1.82 18.97 -4.53
C ASN A 409 3.22 19.35 -4.11
N LEU A 410 3.54 19.07 -2.86
CA LEU A 410 4.87 19.33 -2.34
C LEU A 410 5.72 18.07 -2.27
N LEU A 411 5.32 17.03 -3.00
CA LEU A 411 6.10 15.79 -3.01
C LEU A 411 7.53 16.07 -3.47
N GLY A 412 8.49 15.61 -2.66
CA GLY A 412 9.89 15.77 -2.98
C GLY A 412 10.41 17.17 -2.73
N ARG A 413 9.50 18.10 -2.47
CA ARG A 413 9.89 19.39 -1.94
C ARG A 413 9.67 19.43 -0.43
N GLU A 414 10.23 20.46 0.22
CA GLU A 414 10.19 20.57 1.66
C GLU A 414 8.80 20.85 2.16
N THR A 415 8.33 20.00 3.07
CA THR A 415 6.99 20.11 3.65
C THR A 415 7.10 20.24 5.15
N ARG A 416 6.31 21.13 5.75
CA ARG A 416 6.38 21.29 7.20
C ARG A 416 5.33 20.44 7.91
N TYR A 417 4.24 20.13 7.21
CA TYR A 417 3.14 19.32 7.77
C TYR A 417 3.03 17.93 7.19
N ALA A 418 2.80 16.96 8.06
CA ALA A 418 2.37 15.64 7.67
C ALA A 418 1.07 15.25 8.41
N TYR A 419 0.27 14.40 7.78
CA TYR A 419 -0.95 13.83 8.38
C TYR A 419 -0.84 12.31 8.46
N LEU A 420 -1.10 11.76 9.64
CA LEU A 420 -0.71 10.39 9.92
C LEU A 420 -1.65 9.69 10.88
N ALA A 421 -1.79 8.39 10.71
CA ALA A 421 -2.69 7.60 11.54
C ALA A 421 -2.18 7.51 12.97
N VAL A 422 -3.04 7.78 13.94
CA VAL A 422 -2.67 7.64 15.34
C VAL A 422 -3.11 6.29 15.85
N ALA A 423 -2.21 5.32 15.69
CA ALA A 423 -2.44 3.92 16.00
C ALA A 423 -2.37 3.70 17.51
N GLU A 424 -3.42 4.05 18.25
CA GLU A 424 -3.25 4.16 19.72
C GLU A 424 -4.27 3.56 20.70
N PRO A 425 -4.77 2.36 20.40
CA PRO A 425 -4.57 1.07 21.04
C PRO A 425 -3.95 0.13 19.96
N TRP A 426 -2.65 -0.14 20.08
CA TRP A 426 -1.81 -0.40 18.90
C TRP A 426 -2.56 -0.51 17.54
N PRO A 427 -2.94 -1.73 17.09
CA PRO A 427 -3.21 -1.74 15.64
C PRO A 427 -4.47 -0.91 15.27
N LYS A 428 -5.37 -0.70 16.24
CA LYS A 428 -6.52 0.19 16.03
C LYS A 428 -6.06 1.66 15.94
N VAL A 429 -6.67 2.42 15.04
CA VAL A 429 -6.37 3.83 14.83
C VAL A 429 -7.44 4.72 15.47
N SER A 430 -7.08 5.40 16.56
CA SER A 430 -8.07 6.19 17.31
C SER A 430 -8.29 7.59 16.73
N GLY A 431 -7.54 7.93 15.68
CA GLY A 431 -7.62 9.28 15.08
C GLY A 431 -6.66 9.50 13.94
N PHE A 432 -6.17 10.74 13.83
CA PHE A 432 -5.06 11.11 12.92
C PHE A 432 -4.44 12.41 13.41
N ALA A 433 -3.17 12.61 13.11
CA ALA A 433 -2.51 13.78 13.65
C ALA A 433 -1.92 14.65 12.55
N LYS A 434 -1.97 15.97 12.76
CA LYS A 434 -1.27 16.91 11.91
C LYS A 434 0.05 17.08 12.61
N VAL A 435 1.13 16.87 11.87
CA VAL A 435 2.49 16.93 12.42
C VAL A 435 3.30 18.11 11.90
N ASP A 436 3.98 18.81 12.81
CA ASP A 436 4.93 19.84 12.42
C ASP A 436 6.29 19.22 12.38
N LEU A 437 6.68 18.75 11.21
CA LEU A 437 7.94 18.05 11.03
C LEU A 437 9.18 18.83 11.49
N SER A 438 9.11 20.17 11.52
CA SER A 438 10.23 20.95 12.07
C SER A 438 10.20 20.97 13.60
N THR A 439 9.09 21.45 14.16
CA THR A 439 9.00 21.70 15.61
C THR A 439 8.68 20.44 16.38
N GLY A 440 8.04 19.47 15.72
CA GLY A 440 7.63 18.23 16.38
C GLY A 440 6.38 18.39 17.23
N GLU A 441 5.66 19.49 17.05
CA GLU A 441 4.36 19.66 17.71
C GLU A 441 3.32 18.90 16.92
N LEU A 442 2.22 18.54 17.58
CA LEU A 442 1.14 17.88 16.86
C LEU A 442 -0.24 18.28 17.37
N THR A 443 -1.25 18.17 16.53
CA THR A 443 -2.60 18.17 17.07
C THR A 443 -3.36 16.91 16.59
N LYS A 444 -4.03 16.22 17.51
CA LYS A 444 -4.78 15.01 17.15
C LYS A 444 -6.19 15.39 16.80
N PHE A 445 -6.76 14.67 15.84
CA PHE A 445 -8.19 14.67 15.68
C PHE A 445 -8.66 13.35 16.23
N GLU A 446 -9.30 13.38 17.39
CA GLU A 446 -9.76 12.15 18.01
C GLU A 446 -11.02 11.71 17.28
N TYR A 447 -11.13 10.42 16.95
CA TYR A 447 -12.34 9.96 16.27
C TYR A 447 -13.49 9.77 17.23
N GLY A 448 -13.15 9.71 18.52
CA GLY A 448 -14.17 9.52 19.54
C GLY A 448 -14.26 8.07 19.96
N GLU A 449 -14.86 7.86 21.13
CA GLU A 449 -14.90 6.57 21.78
C GLU A 449 -15.53 5.50 20.89
N GLY A 450 -14.84 4.37 20.72
CA GLY A 450 -15.31 3.23 19.92
C GLY A 450 -15.34 3.41 18.42
N ARG A 451 -14.58 4.37 17.90
CA ARG A 451 -14.63 4.68 16.48
C ARG A 451 -13.23 4.68 15.89
N PHE A 452 -13.02 3.95 14.79
CA PHE A 452 -11.66 3.77 14.24
C PHE A 452 -11.50 3.85 12.71
N GLY A 453 -10.33 4.33 12.27
CA GLY A 453 -10.07 4.56 10.85
C GLY A 453 -8.77 4.02 10.28
N GLY A 454 -8.09 4.84 9.49
CA GLY A 454 -6.84 4.43 8.83
C GLY A 454 -6.14 5.60 8.15
N GLU A 455 -5.89 5.45 6.84
CA GLU A 455 -5.11 6.42 6.04
C GLU A 455 -5.84 7.74 5.77
N PRO A 456 -5.48 8.83 6.51
CA PRO A 456 -6.07 10.11 6.19
C PRO A 456 -5.60 10.56 4.82
N CYS A 457 -6.54 10.99 3.99
CA CYS A 457 -6.21 11.48 2.66
C CYS A 457 -6.33 12.99 2.60
N PHE A 458 -5.20 13.66 2.47
CA PHE A 458 -5.17 15.10 2.40
C PHE A 458 -5.46 15.54 0.97
N VAL A 459 -6.38 16.48 0.84
CA VAL A 459 -6.79 16.98 -0.46
C VAL A 459 -6.48 18.47 -0.45
N PRO A 460 -5.60 18.94 -1.35
CA PRO A 460 -5.25 20.34 -1.26
C PRO A 460 -6.29 21.17 -1.98
N MET A 461 -6.78 22.25 -1.34
CA MET A 461 -7.77 23.09 -1.99
C MET A 461 -7.08 23.63 -3.21
N ASP A 462 -7.37 23.01 -4.36
CA ASP A 462 -6.71 23.46 -5.56
C ASP A 462 -7.07 24.96 -5.75
N PRO A 463 -6.29 25.69 -6.59
CA PRO A 463 -5.77 27.02 -6.19
C PRO A 463 -6.64 28.28 -6.10
N ALA A 464 -5.90 29.39 -5.81
CA ALA A 464 -6.39 30.80 -5.64
C ALA A 464 -6.54 31.24 -4.17
N ALA A 465 -5.48 30.99 -3.38
CA ALA A 465 -5.43 31.46 -1.98
C ALA A 465 -4.46 32.64 -1.86
N ALA A 466 -3.17 32.35 -1.72
CA ALA A 466 -2.13 33.35 -1.89
C ALA A 466 -1.94 33.50 -3.40
N HIS A 467 -1.19 32.58 -3.98
CA HIS A 467 -1.22 32.31 -5.42
C HIS A 467 -1.16 30.77 -5.57
N PRO A 468 0.03 30.16 -5.38
CA PRO A 468 -0.06 28.80 -4.86
C PRO A 468 -0.42 28.92 -3.38
N ARG A 469 -1.36 28.08 -2.94
CA ARG A 469 -1.95 28.16 -1.60
C ARG A 469 -0.95 27.90 -0.45
N GLY A 470 -1.37 28.17 0.78
CA GLY A 470 -0.60 27.78 1.96
C GLY A 470 -0.53 26.25 2.07
N GLU A 471 0.65 25.73 2.43
CA GLU A 471 0.93 24.28 2.50
C GLU A 471 -0.22 23.42 2.99
N ASP A 472 -0.98 23.94 3.96
CA ASP A 472 -2.01 23.16 4.61
C ASP A 472 -3.40 23.70 4.33
N ASP A 473 -3.54 24.39 3.21
CA ASP A 473 -4.88 24.80 2.79
C ASP A 473 -5.51 23.65 2.03
N GLY A 474 -6.14 22.77 2.80
CA GLY A 474 -6.73 21.59 2.22
C GLY A 474 -7.73 20.92 3.13
N TYR A 475 -7.99 19.65 2.86
CA TYR A 475 -8.96 18.90 3.59
C TYR A 475 -8.52 17.46 3.77
N VAL A 476 -8.87 16.88 4.90
CA VAL A 476 -8.61 15.48 5.15
C VAL A 476 -9.91 14.72 4.99
N LEU A 477 -9.84 13.59 4.29
CA LEU A 477 -10.98 12.68 4.15
C LEU A 477 -10.60 11.35 4.76
N THR A 478 -11.32 10.91 5.80
CA THR A 478 -11.08 9.58 6.35
C THR A 478 -12.36 8.85 6.54
N PHE A 479 -12.38 7.57 6.16
CA PHE A 479 -13.46 6.68 6.60
C PHE A 479 -13.28 6.49 8.10
N VAL A 480 -14.37 6.39 8.82
CA VAL A 480 -14.32 6.01 10.23
C VAL A 480 -15.22 4.80 10.37
N HIS A 481 -15.18 4.12 11.51
CA HIS A 481 -16.06 2.98 11.73
C HIS A 481 -16.56 2.87 13.18
N ASP A 482 -17.85 3.10 13.37
CA ASP A 482 -18.38 3.07 14.72
C ASP A 482 -18.49 1.63 15.24
N GLU A 483 -18.05 1.43 16.48
CA GLU A 483 -18.42 0.24 17.26
C GLU A 483 -19.60 0.63 18.19
N ARG A 484 -20.18 -0.34 18.90
CA ARG A 484 -21.63 -0.27 19.18
C ARG A 484 -22.17 0.14 17.81
N ALA A 485 -21.74 -0.66 16.83
CA ALA A 485 -21.63 -0.23 15.44
C ALA A 485 -22.96 0.06 14.76
N GLY A 486 -23.10 1.32 14.35
CA GLY A 486 -23.91 1.64 13.19
C GLY A 486 -22.96 1.48 11.99
N THR A 487 -23.09 2.40 11.04
CA THR A 487 -22.40 2.23 9.78
C THR A 487 -21.02 2.85 9.83
N SER A 488 -20.53 3.21 8.66
CA SER A 488 -19.26 3.87 8.50
C SER A 488 -19.54 5.26 7.95
N GLU A 489 -18.79 6.24 8.42
CA GLU A 489 -18.86 7.58 7.89
C GLU A 489 -17.56 7.92 7.17
N LEU A 490 -17.58 8.96 6.35
CA LEU A 490 -16.33 9.59 5.90
C LEU A 490 -16.34 11.02 6.41
N LEU A 491 -15.34 11.37 7.24
CA LEU A 491 -15.32 12.73 7.76
C LEU A 491 -14.66 13.67 6.77
N VAL A 492 -14.95 14.97 6.91
CA VAL A 492 -14.27 16.01 6.13
C VAL A 492 -13.71 17.05 7.10
N VAL A 493 -12.40 17.03 7.26
CA VAL A 493 -11.76 17.89 8.25
C VAL A 493 -10.93 18.96 7.58
N ASN A 494 -11.03 20.18 8.10
CA ASN A 494 -10.29 21.30 7.56
C ASN A 494 -8.83 21.19 7.97
N ALA A 495 -7.96 20.90 7.00
CA ALA A 495 -6.56 20.66 7.30
C ALA A 495 -5.90 21.79 8.09
N ALA A 496 -6.34 23.02 7.85
CA ALA A 496 -5.62 24.17 8.38
C ALA A 496 -5.92 24.44 9.85
N ASP A 497 -7.21 24.42 10.23
CA ASP A 497 -7.55 24.55 11.65
C ASP A 497 -7.97 23.22 12.27
N MET A 498 -7.82 22.15 11.50
CA MET A 498 -7.89 20.79 12.00
C MET A 498 -9.29 20.55 12.64
N ARG A 499 -10.32 21.06 11.96
CA ARG A 499 -11.71 21.13 12.49
C ARG A 499 -12.74 20.39 11.63
N LEU A 500 -13.58 19.59 12.26
CA LEU A 500 -14.53 18.82 11.49
C LEU A 500 -15.48 19.82 10.84
N GLU A 501 -15.83 19.58 9.57
CA GLU A 501 -16.74 20.48 8.86
C GLU A 501 -17.90 19.76 8.23
N ALA A 502 -17.65 18.57 7.67
CA ALA A 502 -18.72 17.76 7.07
C ALA A 502 -18.60 16.27 7.44
N THR A 503 -19.75 15.57 7.47
CA THR A 503 -19.79 14.17 7.86
C THR A 503 -20.71 13.41 6.93
N VAL A 504 -20.14 12.48 6.15
CA VAL A 504 -20.91 11.71 5.17
C VAL A 504 -21.17 10.26 5.63
N GLN A 505 -22.43 9.81 5.66
CA GLN A 505 -22.74 8.41 5.97
C GLN A 505 -22.70 7.50 4.75
N LEU A 506 -21.96 6.38 4.90
CA LEU A 506 -21.94 5.37 3.86
C LEU A 506 -23.06 4.36 4.12
N PRO A 507 -23.72 3.87 3.05
CA PRO A 507 -24.85 2.95 3.18
C PRO A 507 -24.47 1.64 3.87
N SER A 508 -23.46 0.97 3.32
CA SER A 508 -22.94 -0.25 3.93
C SER A 508 -21.92 0.08 5.00
N ARG A 509 -20.91 -0.79 5.12
CA ARG A 509 -19.80 -0.67 6.04
C ARG A 509 -18.54 -0.69 5.23
N VAL A 510 -17.69 0.31 5.45
CA VAL A 510 -16.38 0.35 4.84
C VAL A 510 -15.38 -0.32 5.78
N PRO A 511 -14.86 -1.49 5.39
CA PRO A 511 -13.90 -2.19 6.22
C PRO A 511 -12.52 -1.53 6.15
N PHE A 512 -11.64 -1.87 7.10
CA PHE A 512 -10.28 -1.30 7.14
C PHE A 512 -9.54 -1.57 5.84
N GLY A 513 -8.54 -0.74 5.53
CA GLY A 513 -7.92 -0.79 4.21
C GLY A 513 -6.48 -0.37 4.15
N PHE A 514 -5.96 -0.20 2.95
CA PHE A 514 -4.59 0.26 2.81
C PHE A 514 -4.56 1.67 2.26
N HIS A 515 -3.80 1.88 1.18
CA HIS A 515 -3.53 3.26 0.73
C HIS A 515 -4.68 3.84 -0.14
N GLY A 516 -5.12 5.04 0.20
CA GLY A 516 -6.15 5.74 -0.56
C GLY A 516 -5.57 6.86 -1.42
N THR A 517 -6.37 7.40 -2.35
CA THR A 517 -5.93 8.51 -3.19
C THR A 517 -7.06 9.44 -3.57
N PHE A 518 -6.72 10.63 -4.05
CA PHE A 518 -7.74 11.60 -4.52
C PHE A 518 -7.56 12.08 -5.96
N ILE A 519 -8.55 11.75 -6.78
CA ILE A 519 -8.58 12.17 -8.18
C ILE A 519 -9.47 13.40 -8.32
N THR A 520 -8.93 14.47 -8.89
CA THR A 520 -9.71 15.68 -9.14
C THR A 520 -10.76 15.42 -10.20
N GLY A 521 -11.81 16.24 -10.20
CA GLY A 521 -12.82 16.19 -11.24
C GLY A 521 -12.18 16.38 -12.60
N GLN A 522 -11.37 17.43 -12.71
CA GLN A 522 -10.75 17.79 -13.98
C GLN A 522 -9.63 16.83 -14.31
N GLU A 523 -9.11 16.18 -13.27
CA GLU A 523 -8.16 15.09 -13.42
C GLU A 523 -8.89 13.90 -14.05
N LEU A 524 -10.10 13.63 -13.54
CA LEU A 524 -10.93 12.53 -14.03
C LEU A 524 -11.22 12.64 -15.51
N GLU A 525 -11.21 13.86 -16.03
CA GLU A 525 -11.54 14.11 -17.41
C GLU A 525 -10.63 13.37 -18.39
N ALA A 526 -9.35 13.27 -18.03
CA ALA A 526 -8.35 12.62 -18.88
C ALA A 526 -8.55 11.11 -19.04
N GLN A 527 -9.34 10.52 -18.14
CA GLN A 527 -9.51 9.07 -18.07
C GLN A 527 -9.27 8.32 -19.39
N ALA A 528 -10.12 8.56 -20.37
CA ALA A 528 -10.03 7.93 -21.70
C ALA A 528 -9.56 6.47 -21.66
N ALA A 529 -10.51 5.56 -21.89
CA ALA A 529 -10.23 4.13 -21.92
C ALA A 529 -11.23 3.39 -22.81
FE FE2 B . 2.38 0.81 1.64
O1 OXY C . 0.72 -1.53 1.98
O2 OXY C . 1.16 -0.54 2.55
O OH D . 1.40 -0.16 0.13
C1 DIO E . -25.75 -5.17 -8.78
C2 DIO E . -24.02 -5.85 -10.31
C1' DIO E . -25.82 -3.75 -9.39
C2' DIO E . -23.91 -4.43 -10.89
O1 DIO E . -24.44 -5.77 -8.92
O1' DIO E . -25.14 -3.66 -10.72
C1 DIO F . -21.66 -7.11 8.63
C2 DIO F . -21.13 -8.05 6.46
C1' DIO F . -21.69 -5.70 8.03
C2' DIO F . -21.20 -6.66 5.83
O1 DIO F . -20.79 -7.96 7.86
O1' DIO F . -22.02 -5.75 6.62
C1 DIO G . -17.50 -19.02 2.72
C2 DIO G . -17.12 -18.96 0.33
C1' DIO G . -17.66 -17.46 2.79
C2' DIO G . -17.32 -17.41 0.34
O1 DIO G . -16.61 -19.39 1.62
O1' DIO G . -18.09 -16.93 1.50
#